data_3UE5
#
_entry.id   3UE5
#
_cell.length_a   84.837
_cell.length_b   53.551
_cell.length_c   100.578
_cell.angle_alpha   90.000
_cell.angle_beta   92.650
_cell.angle_gamma   90.000
#
_symmetry.space_group_name_H-M   'C 1 2 1'
#
loop_
_entity.id
_entity.type
_entity.pdbx_description
1 polymer 'Actin, alpha skeletal muscle'
2 polymer 'Protein spire'
3 non-polymer 'CALCIUM ION'
4 non-polymer "ADENOSINE-5'-TRIPHOSPHATE"
5 non-polymer 'CHLORIDE ION'
6 water water
#
loop_
_entity_poly.entity_id
_entity_poly.type
_entity_poly.pdbx_seq_one_letter_code
_entity_poly.pdbx_strand_id
1 'polypeptide(L)'
;DEDETTALVCDNGSGLVKAGFAGDDAPRAVFPSIVGRPRHQGVMVGMGQKDSYVGDEAQSKRGILTLKYPIEHGIITNWD
DMEKIWHHTFYNELRVAPEEHPTLLTEAPLNPKANREKMTQIMFETFNVPAMYVAIQAVLSLYASGRTTGIVLDSGDGVT
HNVPIYEGYALPHAIMRLDLAGRDLTDYLMKILTERGYSFVTTAEREIVRDIKEKLCYVALDFENEMATAASSSSLEKSY
ELPDGQVITIGNERFRCPETLFQPSFIGMESAGIHETTYNSIMKCDIDIRKDLYANNVMSGGTTMYPGIADRMQKEITAL
APSTMKIKIIAPPERKYSVWIGGSILASLSTFQQMWITKQEYDEAGPSIVHRKCF
;
A
2 'polypeptide(L)' GPLGSKKDAHAMILEFIRSRPPLKKASDRQLGPPRMCEPSPREQLMESIRKGKELKQITPPEAAAS B
#
loop_
_chem_comp.id
_chem_comp.type
_chem_comp.name
_chem_comp.formula
ATP non-polymer ADENOSINE-5'-TRIPHOSPHATE 'C10 H16 N5 O13 P3'
CA non-polymer 'CALCIUM ION' 'Ca 2'
CL non-polymer 'CHLORIDE ION' 'Cl -1'
#
# COMPACT_ATOMS: atom_id res chain seq x y z
N THR A 5 15.03 -8.57 -20.24
CA THR A 5 14.38 -9.87 -19.98
C THR A 5 13.73 -9.96 -18.60
N THR A 6 14.18 -9.11 -17.66
CA THR A 6 13.64 -9.02 -16.30
C THR A 6 12.24 -8.44 -16.46
N ALA A 7 11.29 -8.85 -15.61
CA ALA A 7 9.96 -8.27 -15.68
C ALA A 7 10.03 -7.00 -14.86
N LEU A 8 9.15 -6.05 -15.17
CA LEU A 8 9.06 -4.81 -14.41
C LEU A 8 7.93 -4.99 -13.43
N VAL A 9 8.08 -4.43 -12.24
CA VAL A 9 7.04 -4.48 -11.20
C VAL A 9 6.76 -3.05 -10.78
N CYS A 10 5.51 -2.61 -10.92
CA CYS A 10 5.08 -1.24 -10.61
C CYS A 10 3.86 -1.32 -9.69
N ASP A 11 4.00 -0.81 -8.46
CA ASP A 11 2.90 -0.78 -7.50
C ASP A 11 2.42 0.67 -7.49
N ASN A 12 1.25 0.92 -8.04
CA ASN A 12 0.75 2.27 -8.11
C ASN A 12 -0.08 2.70 -6.92
N GLY A 13 0.59 3.27 -5.94
CA GLY A 13 -0.10 3.75 -4.75
C GLY A 13 -0.74 5.10 -4.98
N SER A 14 -1.72 5.45 -4.11
CA SER A 14 -2.40 6.75 -4.15
C SER A 14 -1.41 7.87 -3.89
N GLY A 15 -0.45 7.63 -3.00
CA GLY A 15 0.57 8.61 -2.64
C GLY A 15 1.92 8.36 -3.27
N LEU A 16 2.41 7.10 -3.26
CA LEU A 16 3.72 6.80 -3.81
C LEU A 16 3.69 5.71 -4.83
N VAL A 17 4.46 5.91 -5.90
CA VAL A 17 4.67 4.89 -6.91
C VAL A 17 5.96 4.15 -6.48
N LYS A 18 5.90 2.79 -6.44
CA LYS A 18 7.05 1.93 -6.13
C LYS A 18 7.32 1.14 -7.39
N ALA A 19 8.53 1.27 -7.96
CA ALA A 19 8.84 0.60 -9.22
C ALA A 19 10.21 -0.04 -9.17
N GLY A 20 10.38 -1.12 -9.91
CA GLY A 20 11.67 -1.80 -9.94
C GLY A 20 11.62 -3.02 -10.83
N PHE A 21 12.59 -3.89 -10.65
CA PHE A 21 12.75 -5.09 -11.48
C PHE A 21 12.47 -6.33 -10.67
N ALA A 22 11.67 -7.23 -11.23
CA ALA A 22 11.34 -8.48 -10.55
C ALA A 22 12.61 -9.25 -10.18
N GLY A 23 12.68 -9.70 -8.93
CA GLY A 23 13.84 -10.44 -8.45
C GLY A 23 14.63 -9.62 -7.45
N ASP A 24 14.48 -8.29 -7.53
CA ASP A 24 15.13 -7.36 -6.65
C ASP A 24 14.45 -7.39 -5.32
N ASP A 25 15.26 -7.17 -4.30
CA ASP A 25 15.01 -7.10 -2.87
C ASP A 25 14.03 -5.94 -2.51
N ALA A 26 14.08 -4.83 -3.30
CA ALA A 26 13.31 -3.62 -3.04
C ALA A 26 13.07 -2.79 -4.31
N PRO A 27 12.08 -1.86 -4.27
CA PRO A 27 11.83 -1.01 -5.45
C PRO A 27 12.98 -0.04 -5.70
N ARG A 28 13.50 -0.02 -6.92
CA ARG A 28 14.58 0.90 -7.31
C ARG A 28 14.11 2.36 -7.32
N ALA A 29 12.84 2.60 -7.63
CA ALA A 29 12.26 3.95 -7.66
C ALA A 29 11.01 4.00 -6.81
N VAL A 30 10.95 4.98 -5.92
CA VAL A 30 9.84 5.27 -5.02
C VAL A 30 9.70 6.77 -5.10
N PHE A 31 8.58 7.24 -5.61
CA PHE A 31 8.35 8.69 -5.76
C PHE A 31 6.86 9.04 -5.72
N PRO A 32 6.53 10.31 -5.40
CA PRO A 32 5.11 10.72 -5.34
C PRO A 32 4.33 10.49 -6.63
N SER A 33 3.13 9.96 -6.47
CA SER A 33 2.21 9.68 -7.56
C SER A 33 1.48 10.98 -7.91
N ILE A 34 2.23 11.95 -8.45
CA ILE A 34 1.71 13.27 -8.79
C ILE A 34 2.09 13.69 -10.17
N VAL A 35 1.19 14.44 -10.82
CA VAL A 35 1.45 15.01 -12.12
C VAL A 35 1.22 16.52 -11.92
N GLY A 36 2.23 17.32 -12.23
CA GLY A 36 2.13 18.77 -12.06
C GLY A 36 2.07 19.50 -13.39
N ARG A 37 1.24 20.52 -13.47
CA ARG A 37 1.12 21.30 -14.69
C ARG A 37 0.99 22.78 -14.32
N PRO A 38 1.54 23.71 -15.12
CA PRO A 38 1.36 25.15 -14.80
C PRO A 38 -0.13 25.49 -14.86
N ARG A 39 -0.60 26.17 -13.83
CA ARG A 39 -1.97 26.49 -13.48
C ARG A 39 -3.07 26.57 -14.53
N HIS A 40 -2.86 27.27 -15.65
CA HIS A 40 -3.92 27.31 -16.67
C HIS A 40 -3.56 26.88 -18.12
N GLN A 41 -2.53 26.03 -18.29
CA GLN A 41 -2.15 25.59 -19.63
C GLN A 41 -3.03 24.45 -20.17
N GLY A 42 -3.44 23.55 -19.27
CA GLY A 42 -4.28 22.40 -19.61
C GLY A 42 -3.57 21.22 -20.26
N LYS A 50 8.51 23.08 -19.54
CA LYS A 50 7.85 21.79 -19.68
C LYS A 50 6.34 21.87 -19.41
N ASP A 51 5.56 21.21 -20.25
CA ASP A 51 4.10 21.17 -20.18
C ASP A 51 3.58 20.35 -18.99
N SER A 52 4.44 19.50 -18.39
CA SER A 52 4.09 18.60 -17.29
C SER A 52 5.30 18.15 -16.49
N TYR A 53 5.09 17.87 -15.20
CA TYR A 53 6.12 17.42 -14.29
C TYR A 53 5.59 16.22 -13.53
N VAL A 54 6.44 15.24 -13.23
CA VAL A 54 6.00 14.05 -12.50
C VAL A 54 6.87 13.85 -11.30
N GLY A 55 6.28 13.34 -10.23
CA GLY A 55 6.99 12.99 -9.03
C GLY A 55 7.70 14.09 -8.27
N ASP A 56 8.92 13.80 -7.82
CA ASP A 56 9.75 14.70 -7.03
C ASP A 56 9.85 16.14 -7.61
N GLU A 57 10.02 16.23 -8.94
CA GLU A 57 10.12 17.52 -9.61
C GLU A 57 8.82 18.32 -9.53
N ALA A 58 7.69 17.66 -9.75
CA ALA A 58 6.40 18.32 -9.64
C ALA A 58 6.25 18.82 -8.23
N GLN A 59 6.69 18.00 -7.25
CA GLN A 59 6.62 18.34 -5.83
C GLN A 59 7.46 19.56 -5.50
N SER A 60 8.69 19.62 -5.98
CA SER A 60 9.57 20.72 -5.70
C SER A 60 9.12 22.02 -6.37
N LYS A 61 8.41 21.92 -7.51
CA LYS A 61 7.90 23.10 -8.22
C LYS A 61 6.44 23.39 -7.84
N ARG A 62 6.05 23.03 -6.60
CA ARG A 62 4.70 23.20 -6.08
C ARG A 62 4.13 24.58 -6.22
N GLY A 63 4.93 25.57 -5.86
CA GLY A 63 4.50 26.97 -5.92
C GLY A 63 3.92 27.44 -7.25
N ILE A 64 4.37 26.88 -8.37
CA ILE A 64 3.92 27.31 -9.70
C ILE A 64 3.05 26.30 -10.50
N LEU A 65 2.86 25.11 -9.92
CA LEU A 65 2.10 24.07 -10.60
C LEU A 65 0.82 23.71 -9.87
N THR A 66 -0.06 23.00 -10.61
CA THR A 66 -1.30 22.48 -10.11
C THR A 66 -1.05 20.98 -10.09
N LEU A 67 -0.91 20.44 -8.88
CA LEU A 67 -0.63 19.02 -8.66
C LEU A 67 -1.89 18.18 -8.74
N LYS A 68 -1.78 17.03 -9.36
CA LYS A 68 -2.90 16.13 -9.52
C LYS A 68 -2.48 14.72 -9.16
N TYR A 69 -3.37 14.03 -8.45
CA TYR A 69 -3.21 12.66 -8.04
C TYR A 69 -4.18 11.83 -8.86
N PRO A 70 -3.65 11.09 -9.88
CA PRO A 70 -4.53 10.27 -10.71
C PRO A 70 -5.12 9.02 -10.02
N ILE A 71 -4.60 8.68 -8.83
CA ILE A 71 -5.08 7.57 -8.03
C ILE A 71 -5.73 8.08 -6.73
N GLU A 72 -7.04 7.84 -6.58
CA GLU A 72 -7.80 8.25 -5.39
C GLU A 72 -8.28 7.03 -4.65
N HIS A 73 -7.77 6.87 -3.41
CA HIS A 73 -8.12 5.74 -2.55
C HIS A 73 -7.84 4.43 -3.28
N GLY A 74 -6.70 4.37 -3.97
CA GLY A 74 -6.25 3.19 -4.69
C GLY A 74 -6.85 2.98 -6.07
N ILE A 75 -7.87 3.77 -6.42
CA ILE A 75 -8.51 3.65 -7.73
C ILE A 75 -8.03 4.69 -8.71
N ILE A 76 -7.69 4.28 -9.96
CA ILE A 76 -7.26 5.21 -11.02
C ILE A 76 -8.47 6.03 -11.44
N THR A 77 -8.39 7.37 -11.30
CA THR A 77 -9.50 8.25 -11.70
C THR A 77 -9.17 9.18 -12.85
N ASN A 78 -7.88 9.28 -13.22
CA ASN A 78 -7.45 10.16 -14.31
C ASN A 78 -6.49 9.38 -15.16
N TRP A 79 -6.99 8.82 -16.25
CA TRP A 79 -6.21 7.98 -17.15
C TRP A 79 -5.11 8.71 -17.92
N ASP A 80 -5.34 9.98 -18.32
CA ASP A 80 -4.31 10.75 -19.02
C ASP A 80 -3.14 10.96 -18.10
N ASP A 81 -3.42 11.35 -16.87
CA ASP A 81 -2.37 11.57 -15.86
C ASP A 81 -1.70 10.29 -15.45
N MET A 82 -2.45 9.17 -15.42
CA MET A 82 -1.89 7.87 -15.06
C MET A 82 -0.87 7.45 -16.11
N GLU A 83 -1.20 7.66 -17.39
CA GLU A 83 -0.30 7.32 -18.48
C GLU A 83 1.00 8.13 -18.41
N LYS A 84 0.92 9.39 -17.98
CA LYS A 84 2.09 10.25 -17.81
C LYS A 84 2.97 9.68 -16.71
N ILE A 85 2.36 9.21 -15.61
CA ILE A 85 3.13 8.60 -14.53
C ILE A 85 3.80 7.34 -15.03
N TRP A 86 3.07 6.49 -15.74
CA TRP A 86 3.60 5.24 -16.28
C TRP A 86 4.74 5.51 -17.25
N HIS A 87 4.54 6.45 -18.18
CA HIS A 87 5.56 6.81 -19.14
C HIS A 87 6.83 7.25 -18.41
N HIS A 88 6.67 8.12 -17.41
CA HIS A 88 7.76 8.63 -16.58
C HIS A 88 8.48 7.49 -15.90
N THR A 89 7.71 6.58 -15.29
CA THR A 89 8.26 5.43 -14.57
C THR A 89 9.15 4.59 -15.45
N PHE A 90 8.67 4.24 -16.65
CA PHE A 90 9.49 3.41 -17.53
C PHE A 90 10.71 4.13 -18.04
N TYR A 91 10.49 5.22 -18.76
CA TYR A 91 11.52 5.99 -19.41
C TYR A 91 12.48 6.79 -18.53
N ASN A 92 12.00 7.43 -17.47
CA ASN A 92 12.87 8.26 -16.62
C ASN A 92 13.35 7.65 -15.32
N GLU A 93 12.54 6.82 -14.71
CA GLU A 93 12.88 6.20 -13.44
C GLU A 93 13.61 4.88 -13.66
N LEU A 94 12.96 3.93 -14.36
CA LEU A 94 13.57 2.63 -14.60
C LEU A 94 14.52 2.71 -15.78
N ARG A 95 14.27 3.65 -16.70
CA ARG A 95 15.09 3.89 -17.89
C ARG A 95 15.16 2.66 -18.79
N VAL A 96 14.00 2.13 -19.11
CA VAL A 96 13.85 0.98 -19.98
C VAL A 96 12.66 1.22 -20.85
N ALA A 97 12.66 0.60 -22.04
CA ALA A 97 11.54 0.66 -22.97
C ALA A 97 10.59 -0.47 -22.57
N PRO A 98 9.30 -0.14 -22.25
CA PRO A 98 8.33 -1.15 -21.81
C PRO A 98 8.06 -2.29 -22.78
N GLU A 99 8.16 -2.03 -24.09
CA GLU A 99 7.93 -3.05 -25.11
C GLU A 99 8.91 -4.20 -25.00
N GLU A 100 9.97 -4.02 -24.21
CA GLU A 100 10.99 -5.03 -24.04
C GLU A 100 10.85 -5.86 -22.78
N HIS A 101 9.84 -5.57 -21.95
CA HIS A 101 9.69 -6.29 -20.70
C HIS A 101 8.28 -6.66 -20.32
N PRO A 102 8.08 -7.87 -19.71
CA PRO A 102 6.77 -8.21 -19.14
C PRO A 102 6.54 -7.22 -18.01
N THR A 103 5.32 -6.74 -17.85
CA THR A 103 5.05 -5.75 -16.81
C THR A 103 4.00 -6.26 -15.84
N LEU A 104 4.30 -6.24 -14.54
CA LEU A 104 3.33 -6.59 -13.52
C LEU A 104 2.90 -5.30 -12.84
N LEU A 105 1.59 -5.02 -12.89
CA LEU A 105 0.99 -3.85 -12.24
C LEU A 105 0.13 -4.34 -11.12
N THR A 106 -0.07 -3.48 -10.14
CA THR A 106 -0.91 -3.83 -9.02
C THR A 106 -2.20 -3.05 -9.10
N GLU A 107 -3.22 -3.49 -8.37
CA GLU A 107 -4.49 -2.78 -8.33
C GLU A 107 -5.07 -2.85 -6.93
N ALA A 108 -5.96 -1.91 -6.61
CA ALA A 108 -6.58 -1.90 -5.31
C ALA A 108 -7.64 -2.99 -5.22
N PRO A 109 -7.93 -3.45 -3.98
CA PRO A 109 -9.03 -4.41 -3.81
C PRO A 109 -10.34 -3.76 -4.25
N LEU A 110 -11.19 -4.57 -4.84
CA LEU A 110 -12.49 -4.13 -5.37
C LEU A 110 -12.40 -3.18 -6.54
N ASN A 111 -11.31 -3.27 -7.32
CA ASN A 111 -11.10 -2.42 -8.47
C ASN A 111 -12.13 -2.79 -9.53
N PRO A 112 -12.89 -1.80 -10.07
CA PRO A 112 -13.91 -2.15 -11.08
C PRO A 112 -13.34 -2.84 -12.29
N LYS A 113 -14.12 -3.71 -12.94
CA LYS A 113 -13.70 -4.43 -14.14
C LYS A 113 -13.34 -3.49 -15.28
N ALA A 114 -14.06 -2.34 -15.43
CA ALA A 114 -13.75 -1.38 -16.50
C ALA A 114 -12.34 -0.83 -16.33
N ASN A 115 -11.95 -0.51 -15.07
CA ASN A 115 -10.63 0.03 -14.72
C ASN A 115 -9.54 -1.02 -15.07
N ARG A 116 -9.79 -2.31 -14.73
CA ARG A 116 -8.85 -3.41 -15.02
C ARG A 116 -8.61 -3.54 -16.53
N GLU A 117 -9.67 -3.46 -17.33
CA GLU A 117 -9.55 -3.53 -18.78
C GLU A 117 -8.86 -2.29 -19.37
N LYS A 118 -9.15 -1.08 -18.84
CA LYS A 118 -8.53 0.14 -19.36
C LYS A 118 -7.02 0.09 -19.15
N MET A 119 -6.59 -0.37 -17.94
CA MET A 119 -5.17 -0.54 -17.58
C MET A 119 -4.50 -1.48 -18.59
N THR A 120 -5.19 -2.62 -18.88
CA THR A 120 -4.74 -3.66 -19.81
C THR A 120 -4.59 -3.08 -21.20
N GLN A 121 -5.62 -2.36 -21.66
CA GLN A 121 -5.62 -1.71 -22.96
C GLN A 121 -4.45 -0.74 -23.12
N ILE A 122 -4.23 0.14 -22.13
CA ILE A 122 -3.12 1.11 -22.17
C ILE A 122 -1.76 0.40 -22.23
N MET A 123 -1.57 -0.60 -21.39
CA MET A 123 -0.30 -1.31 -21.39
C MET A 123 0.02 -1.97 -22.70
N PHE A 124 -0.97 -2.60 -23.32
CA PHE A 124 -0.77 -3.30 -24.58
C PHE A 124 -0.76 -2.38 -25.80
N GLU A 125 -1.72 -1.46 -25.87
CA GLU A 125 -1.87 -0.57 -27.00
C GLU A 125 -0.97 0.68 -26.96
N THR A 126 -0.77 1.25 -25.78
CA THR A 126 0.06 2.46 -25.66
C THR A 126 1.55 2.15 -25.42
N PHE A 127 1.84 1.31 -24.42
CA PHE A 127 3.22 1.00 -24.09
C PHE A 127 3.71 -0.22 -24.82
N ASN A 128 2.82 -0.89 -25.55
CA ASN A 128 3.17 -2.05 -26.34
C ASN A 128 3.92 -3.12 -25.53
N VAL A 129 3.47 -3.41 -24.30
CA VAL A 129 4.13 -4.42 -23.47
C VAL A 129 4.02 -5.80 -24.17
N PRO A 130 5.05 -6.67 -24.03
CA PRO A 130 4.97 -8.01 -24.63
C PRO A 130 4.15 -9.01 -23.80
N ALA A 131 4.05 -8.79 -22.46
CA ALA A 131 3.35 -9.62 -21.46
C ALA A 131 2.94 -8.75 -20.32
N MET A 132 1.79 -9.06 -19.73
CA MET A 132 1.23 -8.24 -18.68
C MET A 132 0.46 -9.05 -17.66
N TYR A 133 0.38 -8.53 -16.43
CA TYR A 133 -0.39 -9.12 -15.34
C TYR A 133 -0.75 -8.04 -14.35
N VAL A 134 -1.96 -8.14 -13.77
CA VAL A 134 -2.48 -7.19 -12.76
C VAL A 134 -2.78 -7.98 -11.48
N ALA A 135 -2.19 -7.57 -10.34
CA ALA A 135 -2.37 -8.24 -9.06
C ALA A 135 -2.96 -7.34 -8.03
N ILE A 136 -3.77 -7.93 -7.15
CA ILE A 136 -4.38 -7.20 -6.06
C ILE A 136 -3.28 -6.93 -5.08
N GLN A 137 -3.12 -5.68 -4.69
CA GLN A 137 -2.10 -5.27 -3.73
C GLN A 137 -2.04 -6.12 -2.46
N ALA A 138 -3.15 -6.27 -1.74
CA ALA A 138 -3.13 -7.06 -0.52
C ALA A 138 -2.66 -8.49 -0.71
N VAL A 139 -2.97 -9.10 -1.84
CA VAL A 139 -2.53 -10.47 -2.09
C VAL A 139 -1.02 -10.52 -2.22
N LEU A 140 -0.41 -9.52 -2.86
CA LEU A 140 1.04 -9.45 -2.98
C LEU A 140 1.69 -9.34 -1.61
N SER A 141 1.11 -8.55 -0.72
CA SER A 141 1.64 -8.42 0.63
C SER A 141 1.60 -9.76 1.35
N LEU A 142 0.51 -10.53 1.11
CA LEU A 142 0.39 -11.83 1.73
C LEU A 142 1.47 -12.76 1.22
N TYR A 143 1.70 -12.78 -0.09
CA TYR A 143 2.73 -13.61 -0.71
C TYR A 143 4.10 -13.24 -0.17
N ALA A 144 4.33 -11.95 0.09
CA ALA A 144 5.60 -11.42 0.66
C ALA A 144 5.91 -12.08 1.99
N SER A 145 4.85 -12.39 2.74
CA SER A 145 4.98 -13.02 4.04
C SER A 145 5.07 -14.55 3.93
N GLY A 146 5.10 -15.06 2.71
CA GLY A 146 5.19 -16.50 2.45
C GLY A 146 3.96 -17.28 2.83
N ARG A 147 2.77 -16.72 2.57
CA ARG A 147 1.49 -17.35 2.86
C ARG A 147 0.57 -17.26 1.68
N THR A 148 -0.40 -18.20 1.60
CA THR A 148 -1.46 -18.22 0.58
C THR A 148 -2.81 -17.98 1.27
N THR A 149 -2.85 -18.08 2.60
CA THR A 149 -4.07 -17.83 3.38
C THR A 149 -3.80 -16.88 4.55
N GLY A 150 -4.64 -15.88 4.66
CA GLY A 150 -4.53 -14.88 5.71
C GLY A 150 -5.43 -13.70 5.44
N ILE A 151 -5.42 -12.73 6.34
CA ILE A 151 -6.20 -11.51 6.20
C ILE A 151 -5.21 -10.36 6.27
N VAL A 152 -5.17 -9.55 5.22
CA VAL A 152 -4.25 -8.43 5.14
C VAL A 152 -4.90 -7.12 5.51
N LEU A 153 -4.23 -6.35 6.38
CA LEU A 153 -4.64 -4.99 6.66
C LEU A 153 -3.62 -4.11 5.86
N ASP A 154 -4.07 -3.49 4.75
CA ASP A 154 -3.19 -2.62 3.97
C ASP A 154 -3.58 -1.16 4.16
N SER A 155 -2.78 -0.42 4.91
CA SER A 155 -3.04 1.00 5.15
C SER A 155 -1.94 1.80 4.46
N GLY A 156 -2.32 2.53 3.42
CA GLY A 156 -1.35 3.34 2.70
C GLY A 156 -1.48 4.84 2.93
N ASP A 157 -1.46 5.61 1.85
CA ASP A 157 -1.61 7.05 1.92
C ASP A 157 -3.08 7.47 1.71
N GLY A 158 -3.77 6.80 0.78
CA GLY A 158 -5.12 7.15 0.41
C GLY A 158 -6.21 6.27 0.95
N VAL A 159 -5.94 4.99 1.10
CA VAL A 159 -6.93 4.03 1.55
C VAL A 159 -6.40 2.95 2.50
N THR A 160 -7.31 2.42 3.31
CA THR A 160 -7.04 1.31 4.22
C THR A 160 -8.04 0.20 3.86
N HIS A 161 -7.53 -0.97 3.56
CA HIS A 161 -8.36 -2.11 3.20
C HIS A 161 -8.04 -3.28 4.11
N ASN A 162 -9.04 -4.09 4.35
CA ASN A 162 -8.92 -5.35 5.07
C ASN A 162 -9.32 -6.36 4.03
N VAL A 163 -8.39 -7.27 3.71
CA VAL A 163 -8.59 -8.24 2.66
C VAL A 163 -8.37 -9.68 3.12
N PRO A 164 -9.46 -10.44 3.30
CA PRO A 164 -9.29 -11.85 3.66
C PRO A 164 -8.99 -12.65 2.38
N ILE A 165 -7.99 -13.52 2.48
CA ILE A 165 -7.50 -14.32 1.36
C ILE A 165 -7.42 -15.78 1.72
N TYR A 166 -8.02 -16.62 0.87
CA TYR A 166 -8.00 -18.05 1.07
C TYR A 166 -7.41 -18.77 -0.12
N GLU A 167 -6.33 -19.53 0.16
CA GLU A 167 -5.62 -20.31 -0.83
C GLU A 167 -5.24 -19.47 -2.08
N GLY A 168 -4.80 -18.25 -1.82
CA GLY A 168 -4.33 -17.31 -2.85
C GLY A 168 -5.37 -16.40 -3.49
N TYR A 169 -6.65 -16.55 -3.10
CA TYR A 169 -7.70 -15.76 -3.69
C TYR A 169 -8.42 -14.94 -2.65
N ALA A 170 -8.48 -13.63 -2.88
CA ALA A 170 -9.17 -12.74 -1.98
C ALA A 170 -10.66 -13.04 -2.03
N LEU A 171 -11.37 -12.76 -0.93
CA LEU A 171 -12.79 -13.01 -0.77
C LEU A 171 -13.48 -11.68 -0.85
N PRO A 172 -13.90 -11.28 -2.08
CA PRO A 172 -14.49 -9.94 -2.28
C PRO A 172 -15.65 -9.54 -1.39
N HIS A 173 -16.52 -10.49 -1.08
CA HIS A 173 -17.69 -10.24 -0.23
C HIS A 173 -17.30 -9.80 1.17
N ALA A 174 -16.08 -10.13 1.62
CA ALA A 174 -15.57 -9.78 2.94
C ALA A 174 -14.59 -8.59 2.96
N ILE A 175 -14.24 -8.06 1.81
CA ILE A 175 -13.32 -6.95 1.80
C ILE A 175 -13.99 -5.71 2.41
N MET A 176 -13.25 -5.02 3.28
CA MET A 176 -13.71 -3.80 3.97
C MET A 176 -12.81 -2.68 3.59
N ARG A 177 -13.38 -1.51 3.25
CA ARG A 177 -12.56 -0.35 2.92
C ARG A 177 -12.80 0.74 3.93
N LEU A 178 -11.73 1.36 4.41
CA LEU A 178 -11.82 2.47 5.36
C LEU A 178 -11.15 3.62 4.65
N ASP A 179 -11.90 4.68 4.29
CA ASP A 179 -11.31 5.84 3.57
C ASP A 179 -10.59 6.82 4.50
N LEU A 180 -9.64 6.29 5.28
CA LEU A 180 -8.81 6.99 6.26
C LEU A 180 -7.45 6.33 6.13
N ALA A 181 -6.39 7.12 5.90
CA ALA A 181 -5.06 6.57 5.73
C ALA A 181 -3.99 7.59 6.09
N GLY A 182 -2.76 7.38 5.64
CA GLY A 182 -1.61 8.25 5.93
C GLY A 182 -1.82 9.72 5.64
N ARG A 183 -2.46 10.06 4.52
CA ARG A 183 -2.71 11.47 4.17
C ARG A 183 -3.49 12.14 5.29
N ASP A 184 -4.54 11.46 5.78
CA ASP A 184 -5.40 11.95 6.85
C ASP A 184 -4.64 12.14 8.14
N LEU A 185 -3.67 11.24 8.41
CA LEU A 185 -2.87 11.31 9.63
C LEU A 185 -1.93 12.49 9.61
N THR A 186 -1.31 12.76 8.45
CA THR A 186 -0.40 13.89 8.27
C THR A 186 -1.17 15.17 8.49
N ASP A 187 -2.35 15.29 7.84
CA ASP A 187 -3.20 16.46 7.97
C ASP A 187 -3.61 16.68 9.41
N TYR A 188 -3.92 15.59 10.13
CA TYR A 188 -4.31 15.63 11.52
C TYR A 188 -3.18 16.12 12.42
N LEU A 189 -1.95 15.60 12.20
CA LEU A 189 -0.79 16.02 12.98
C LEU A 189 -0.49 17.48 12.69
N MET A 190 -0.72 17.90 11.43
CA MET A 190 -0.50 19.26 10.97
C MET A 190 -1.47 20.18 11.70
N LYS A 191 -2.71 19.73 11.98
CA LYS A 191 -3.73 20.51 12.68
C LYS A 191 -3.39 20.70 14.18
N ILE A 192 -3.06 19.60 14.87
CA ILE A 192 -2.74 19.65 16.30
C ILE A 192 -1.44 20.37 16.56
N LEU A 193 -0.49 20.20 15.65
CA LEU A 193 0.79 20.90 15.76
C LEU A 193 0.54 22.37 15.54
N THR A 194 -0.33 22.72 14.58
CA THR A 194 -0.67 24.10 14.25
C THR A 194 -1.33 24.80 15.41
N GLU A 195 -2.17 24.08 16.15
CA GLU A 195 -2.87 24.67 17.27
C GLU A 195 -1.99 24.80 18.52
N ARG A 196 -0.78 24.26 18.47
CA ARG A 196 0.19 24.33 19.57
C ARG A 196 0.98 25.59 19.42
N GLY A 197 0.79 26.27 18.30
CA GLY A 197 1.47 27.53 18.04
C GLY A 197 2.51 27.44 16.96
N TYR A 198 2.54 26.34 16.23
CA TYR A 198 3.52 26.17 15.15
C TYR A 198 2.84 26.36 13.80
N SER A 199 3.63 26.71 12.78
CA SER A 199 3.07 26.96 11.45
C SER A 199 3.64 26.08 10.37
N PHE A 200 2.75 25.30 9.72
CA PHE A 200 3.09 24.38 8.64
C PHE A 200 2.02 24.49 7.59
N VAL A 201 2.35 25.12 6.46
CA VAL A 201 1.38 25.37 5.38
C VAL A 201 2.01 25.18 4.02
N THR A 202 3.33 25.43 3.94
CA THR A 202 4.13 25.28 2.73
C THR A 202 4.37 23.76 2.51
N THR A 203 4.88 23.42 1.33
CA THR A 203 5.25 22.08 0.88
C THR A 203 6.25 21.44 1.85
N ALA A 204 7.35 22.19 2.10
CA ALA A 204 8.48 21.77 2.90
C ALA A 204 8.03 21.63 4.30
N GLU A 205 7.14 22.52 4.75
CA GLU A 205 6.59 22.46 6.08
C GLU A 205 5.72 21.22 6.21
N ARG A 206 4.85 20.98 5.21
CA ARG A 206 3.99 19.81 5.22
C ARG A 206 4.84 18.52 5.23
N GLU A 207 5.96 18.59 4.52
CA GLU A 207 6.90 17.49 4.43
C GLU A 207 7.57 17.27 5.78
N ILE A 208 7.72 18.36 6.57
CA ILE A 208 8.32 18.29 7.91
C ILE A 208 7.35 17.53 8.77
N VAL A 209 6.04 17.88 8.73
CA VAL A 209 4.99 17.21 9.50
C VAL A 209 4.94 15.73 9.16
N ARG A 210 5.05 15.42 7.88
CA ARG A 210 5.05 14.04 7.43
C ARG A 210 6.28 13.36 8.03
N ASP A 211 7.42 14.06 8.08
CA ASP A 211 8.65 13.52 8.68
C ASP A 211 8.50 13.31 10.18
N ILE A 212 7.83 14.25 10.87
CA ILE A 212 7.57 14.15 12.31
C ILE A 212 6.71 12.89 12.52
N LYS A 213 5.69 12.72 11.66
CA LYS A 213 4.78 11.60 11.73
C LYS A 213 5.51 10.28 11.58
N GLU A 214 6.32 10.16 10.55
CA GLU A 214 7.05 8.92 10.29
C GLU A 214 8.20 8.65 11.25
N LYS A 215 8.64 9.66 12.02
CA LYS A 215 9.79 9.48 12.91
C LYS A 215 9.52 9.48 14.40
N LEU A 216 8.54 10.28 14.82
CA LEU A 216 8.23 10.42 16.25
C LEU A 216 6.94 9.78 16.71
N CYS A 217 5.98 9.61 15.79
CA CYS A 217 4.67 9.01 16.10
C CYS A 217 4.73 7.51 16.44
N TYR A 218 3.77 7.05 17.27
CA TYR A 218 3.68 5.66 17.68
C TYR A 218 2.26 5.35 18.13
N VAL A 219 1.92 4.07 18.20
CA VAL A 219 0.60 3.67 18.64
C VAL A 219 0.71 3.31 20.11
N ALA A 220 -0.09 3.97 20.96
CA ALA A 220 -0.11 3.69 22.40
C ALA A 220 -0.81 2.34 22.65
N LEU A 221 -0.24 1.52 23.54
CA LEU A 221 -0.85 0.22 23.84
C LEU A 221 -2.18 0.48 24.56
N ASP A 222 -2.17 1.44 25.48
CA ASP A 222 -3.38 1.88 26.19
C ASP A 222 -3.45 3.40 26.08
N PHE A 223 -4.26 3.89 25.15
CA PHE A 223 -4.41 5.32 24.92
C PHE A 223 -4.60 6.13 26.19
N GLU A 224 -5.69 5.85 26.92
CA GLU A 224 -6.07 6.50 28.17
C GLU A 224 -4.90 6.62 29.14
N ASN A 225 -4.31 5.50 29.54
CA ASN A 225 -3.17 5.49 30.44
C ASN A 225 -1.98 6.25 29.84
N GLU A 226 -1.83 6.22 28.52
CA GLU A 226 -0.73 6.91 27.85
C GLU A 226 -0.90 8.42 27.91
N MET A 227 -2.13 8.88 27.69
CA MET A 227 -2.47 10.29 27.73
C MET A 227 -2.05 10.98 29.02
N ALA A 228 -2.51 10.44 30.17
CA ALA A 228 -2.19 10.97 31.48
C ALA A 228 -0.72 10.90 31.81
N THR A 229 -0.02 9.92 31.24
CA THR A 229 1.41 9.75 31.44
C THR A 229 2.14 10.93 30.81
N ALA A 230 1.47 11.66 29.91
CA ALA A 230 2.03 12.82 29.24
C ALA A 230 1.50 14.04 29.95
N ALA A 231 0.46 13.84 30.75
CA ALA A 231 -0.13 14.93 31.51
C ALA A 231 0.71 15.20 32.74
N SER A 232 1.14 14.16 33.44
CA SER A 232 1.92 14.23 34.68
C SER A 232 3.44 14.18 34.45
N SER A 233 3.89 14.00 33.20
CA SER A 233 5.32 13.92 32.92
C SER A 233 5.70 14.46 31.56
N SER A 234 7.00 14.62 31.34
CA SER A 234 7.55 15.05 30.06
C SER A 234 8.34 13.87 29.49
N SER A 235 7.98 12.67 29.93
CA SER A 235 8.66 11.42 29.61
C SER A 235 8.46 10.99 28.17
N LEU A 236 7.32 11.40 27.59
CA LEU A 236 6.94 11.04 26.21
C LEU A 236 7.30 12.13 25.18
N GLU A 237 7.74 13.29 25.66
CA GLU A 237 8.09 14.39 24.77
C GLU A 237 9.42 14.19 24.10
N LYS A 238 9.45 14.37 22.79
CA LYS A 238 10.66 14.29 22.01
C LYS A 238 10.85 15.66 21.37
N SER A 239 12.10 16.01 21.10
CA SER A 239 12.38 17.28 20.48
C SER A 239 12.66 17.02 19.03
N TYR A 240 12.13 17.88 18.17
CA TYR A 240 12.34 17.74 16.74
C TYR A 240 13.12 18.91 16.22
N GLU A 241 14.31 18.64 15.68
CA GLU A 241 15.14 19.69 15.13
C GLU A 241 14.70 19.99 13.72
N LEU A 242 14.18 21.20 13.52
CA LEU A 242 13.72 21.64 12.22
C LEU A 242 14.91 21.81 11.25
N PRO A 243 14.62 21.88 9.92
CA PRO A 243 15.70 22.07 8.93
C PRO A 243 16.43 23.40 9.16
N ASP A 244 15.71 24.40 9.69
CA ASP A 244 16.28 25.71 9.97
C ASP A 244 17.11 25.75 11.28
N GLY A 245 17.38 24.60 11.89
CA GLY A 245 18.12 24.57 13.14
C GLY A 245 17.22 24.68 14.36
N GLN A 246 16.14 25.50 14.27
CA GLN A 246 15.17 25.67 15.36
C GLN A 246 14.66 24.29 15.81
N VAL A 247 14.57 24.09 17.12
CA VAL A 247 14.12 22.82 17.67
C VAL A 247 12.73 22.96 18.27
N ILE A 248 11.90 21.96 18.08
CA ILE A 248 10.55 21.98 18.66
C ILE A 248 10.28 20.76 19.51
N THR A 249 9.25 20.85 20.36
CA THR A 249 8.87 19.74 21.21
C THR A 249 7.50 19.19 20.82
N ILE A 250 7.47 17.91 20.49
CA ILE A 250 6.23 17.23 20.17
C ILE A 250 5.95 16.32 21.38
N GLY A 251 4.73 16.37 21.88
CA GLY A 251 4.35 15.60 23.05
C GLY A 251 3.41 14.44 22.75
N ASN A 252 2.18 14.50 23.25
CA ASN A 252 1.20 13.45 23.08
C ASN A 252 0.69 13.31 21.67
N GLU A 253 0.92 14.33 20.82
CA GLU A 253 0.52 14.30 19.40
C GLU A 253 1.17 13.07 18.79
N ARG A 254 2.27 12.61 19.42
CA ARG A 254 3.02 11.43 19.02
C ARG A 254 2.11 10.22 18.91
N PHE A 255 1.32 9.96 19.93
CA PHE A 255 0.43 8.79 19.91
C PHE A 255 -1.01 9.13 19.55
N ARG A 256 -1.39 10.41 19.66
CA ARG A 256 -2.74 10.87 19.36
C ARG A 256 -3.07 10.81 17.87
N CYS A 257 -2.10 11.15 17.03
CA CYS A 257 -2.28 11.17 15.58
C CYS A 257 -2.60 9.74 15.01
N PRO A 258 -1.78 8.71 15.29
CA PRO A 258 -2.10 7.35 14.80
C PRO A 258 -3.31 6.70 15.47
N GLU A 259 -3.71 7.24 16.63
CA GLU A 259 -4.86 6.73 17.33
C GLU A 259 -6.10 6.81 16.46
N THR A 260 -6.12 7.78 15.51
CA THR A 260 -7.22 7.96 14.58
C THR A 260 -7.54 6.65 13.87
N LEU A 261 -6.55 5.78 13.67
CA LEU A 261 -6.75 4.50 13.01
C LEU A 261 -7.72 3.62 13.79
N PHE A 262 -7.64 3.68 15.12
CA PHE A 262 -8.48 2.90 16.00
C PHE A 262 -9.79 3.62 16.34
N GLN A 263 -9.77 4.96 16.31
CA GLN A 263 -10.94 5.79 16.61
C GLN A 263 -11.09 6.89 15.57
N PRO A 264 -11.60 6.54 14.37
CA PRO A 264 -11.75 7.54 13.30
C PRO A 264 -12.51 8.80 13.75
N SER A 265 -13.26 8.70 14.87
CA SER A 265 -14.04 9.79 15.43
C SER A 265 -13.21 11.03 15.63
N PHE A 266 -11.91 10.83 15.91
CA PHE A 266 -10.96 11.92 16.14
C PHE A 266 -10.85 12.84 14.93
N ILE A 267 -11.28 12.39 13.74
CA ILE A 267 -11.23 13.26 12.60
C ILE A 267 -12.59 13.54 12.04
N GLY A 268 -13.57 13.48 12.93
CA GLY A 268 -14.96 13.71 12.59
C GLY A 268 -15.48 12.59 11.73
N MET A 269 -14.73 11.51 11.69
CA MET A 269 -15.08 10.34 10.89
C MET A 269 -15.94 9.36 11.69
N GLU A 270 -17.12 9.04 11.15
CA GLU A 270 -18.08 8.13 11.76
C GLU A 270 -17.88 6.77 11.12
N SER A 271 -16.91 6.02 11.64
CA SER A 271 -16.52 4.73 11.07
C SER A 271 -15.84 3.91 12.15
N ALA A 272 -15.89 2.58 12.01
CA ALA A 272 -15.22 1.68 12.93
C ALA A 272 -13.72 1.76 12.66
N GLY A 273 -12.93 1.59 13.71
CA GLY A 273 -11.47 1.58 13.63
C GLY A 273 -10.95 0.34 12.91
N ILE A 274 -9.63 0.29 12.69
CA ILE A 274 -8.97 -0.82 11.98
C ILE A 274 -9.14 -2.18 12.68
N HIS A 275 -9.23 -2.16 14.00
CA HIS A 275 -9.40 -3.40 14.76
C HIS A 275 -10.81 -4.01 14.51
N GLU A 276 -11.87 -3.19 14.67
CA GLU A 276 -13.24 -3.62 14.45
C GLU A 276 -13.44 -4.05 13.01
N THR A 277 -12.89 -3.28 12.04
CA THR A 277 -13.02 -3.62 10.61
C THR A 277 -12.37 -4.98 10.30
N THR A 278 -11.25 -5.29 10.97
CA THR A 278 -10.57 -6.58 10.76
C THR A 278 -11.49 -7.69 11.25
N TYR A 279 -12.04 -7.54 12.47
CA TYR A 279 -12.96 -8.50 13.02
C TYR A 279 -14.17 -8.68 12.07
N ASN A 280 -14.83 -7.56 11.72
CA ASN A 280 -15.99 -7.54 10.82
C ASN A 280 -15.76 -8.34 9.56
N SER A 281 -14.57 -8.14 8.95
CA SER A 281 -14.16 -8.82 7.72
C SER A 281 -14.04 -10.33 7.97
N ILE A 282 -13.30 -10.72 9.01
CA ILE A 282 -13.15 -12.13 9.37
C ILE A 282 -14.52 -12.76 9.52
N MET A 283 -15.44 -12.05 10.17
CA MET A 283 -16.80 -12.52 10.43
C MET A 283 -17.63 -12.72 9.15
N LYS A 284 -17.20 -12.07 8.06
CA LYS A 284 -17.91 -12.23 6.81
C LYS A 284 -17.43 -13.47 6.05
N CYS A 285 -16.42 -14.14 6.59
CA CYS A 285 -15.85 -15.34 5.99
C CYS A 285 -16.41 -16.60 6.59
N ASP A 286 -16.30 -17.69 5.83
CA ASP A 286 -16.72 -19.00 6.24
C ASP A 286 -16.06 -19.40 7.54
N ILE A 287 -16.83 -19.98 8.46
CA ILE A 287 -16.35 -20.42 9.76
C ILE A 287 -15.05 -21.23 9.73
N ASP A 288 -14.99 -22.20 8.83
CA ASP A 288 -13.87 -23.11 8.69
C ASP A 288 -12.57 -22.39 8.38
N ILE A 289 -12.68 -21.17 7.79
CA ILE A 289 -11.52 -20.35 7.43
C ILE A 289 -11.10 -19.31 8.46
N ARG A 290 -12.03 -18.88 9.32
CA ARG A 290 -11.80 -17.85 10.35
C ARG A 290 -10.59 -18.06 11.27
N LYS A 291 -10.40 -19.30 11.73
CA LYS A 291 -9.31 -19.67 12.62
C LYS A 291 -7.94 -19.37 11.99
N ASP A 292 -7.83 -19.69 10.71
CA ASP A 292 -6.62 -19.44 9.92
C ASP A 292 -6.44 -17.97 9.68
N LEU A 293 -7.54 -17.23 9.54
CA LEU A 293 -7.43 -15.80 9.31
C LEU A 293 -6.93 -15.12 10.57
N TYR A 294 -7.54 -15.44 11.71
CA TYR A 294 -7.13 -14.88 13.01
C TYR A 294 -5.67 -15.16 13.30
N ALA A 295 -5.17 -16.29 12.82
CA ALA A 295 -3.78 -16.70 13.05
C ALA A 295 -2.82 -16.13 12.02
N ASN A 296 -3.32 -15.42 10.99
CA ASN A 296 -2.47 -14.88 9.92
C ASN A 296 -2.88 -13.50 9.49
N ASN A 297 -2.85 -12.57 10.45
CA ASN A 297 -3.23 -11.19 10.21
C ASN A 297 -2.00 -10.45 9.76
N VAL A 298 -1.92 -10.15 8.48
CA VAL A 298 -0.74 -9.52 7.95
C VAL A 298 -0.88 -8.01 7.75
N MET A 299 0.10 -7.23 8.28
CA MET A 299 0.12 -5.79 8.17
C MET A 299 1.00 -5.36 7.03
N SER A 300 0.49 -4.46 6.20
CA SER A 300 1.25 -3.92 5.09
C SER A 300 0.94 -2.47 4.87
N GLY A 301 1.87 -1.76 4.23
CA GLY A 301 1.70 -0.34 3.89
C GLY A 301 2.43 0.57 4.85
N GLY A 302 2.76 1.78 4.37
CA GLY A 302 3.45 2.79 5.17
C GLY A 302 2.74 3.12 6.47
N THR A 303 1.40 3.17 6.42
CA THR A 303 0.60 3.55 7.57
C THR A 303 0.54 2.51 8.68
N THR A 304 1.04 1.31 8.43
CA THR A 304 1.06 0.31 9.48
C THR A 304 2.47 0.28 10.13
N MET A 305 3.33 1.23 9.76
CA MET A 305 4.70 1.27 10.26
C MET A 305 4.84 1.83 11.67
N TYR A 306 3.76 2.38 12.23
CA TYR A 306 3.82 2.96 13.56
C TYR A 306 4.27 1.98 14.63
N PRO A 307 5.36 2.32 15.36
CA PRO A 307 5.78 1.44 16.47
C PRO A 307 4.61 1.22 17.44
N GLY A 308 4.39 -0.01 17.87
CA GLY A 308 3.30 -0.36 18.76
C GLY A 308 2.00 -0.78 18.11
N ILE A 309 1.85 -0.61 16.79
CA ILE A 309 0.61 -0.96 16.11
C ILE A 309 0.22 -2.44 16.18
N ALA A 310 1.22 -3.33 16.00
CA ALA A 310 0.96 -4.78 16.03
C ALA A 310 0.55 -5.21 17.42
N ASP A 311 1.24 -4.69 18.45
CA ASP A 311 0.94 -5.02 19.85
C ASP A 311 -0.44 -4.51 20.22
N ARG A 312 -0.82 -3.35 19.69
CA ARG A 312 -2.14 -2.79 19.93
C ARG A 312 -3.23 -3.60 19.16
N MET A 313 -2.96 -4.02 17.91
CA MET A 313 -3.90 -4.85 17.14
C MET A 313 -4.08 -6.22 17.78
N GLN A 314 -3.00 -6.81 18.28
CA GLN A 314 -3.07 -8.11 18.95
C GLN A 314 -4.04 -8.00 20.13
N LYS A 315 -3.90 -6.95 20.95
CA LYS A 315 -4.76 -6.69 22.10
C LYS A 315 -6.22 -6.47 21.71
N GLU A 316 -6.45 -5.59 20.73
CA GLU A 316 -7.79 -5.27 20.30
C GLU A 316 -8.51 -6.45 19.66
N ILE A 317 -7.80 -7.21 18.84
CA ILE A 317 -8.40 -8.38 18.20
C ILE A 317 -8.67 -9.46 19.20
N THR A 318 -7.74 -9.67 20.13
CA THR A 318 -7.87 -10.67 21.19
C THR A 318 -9.18 -10.43 21.96
N ALA A 319 -9.46 -9.16 22.25
CA ALA A 319 -10.66 -8.70 22.95
C ALA A 319 -11.95 -8.96 22.17
N LEU A 320 -11.89 -8.98 20.83
CA LEU A 320 -13.07 -9.23 19.98
C LEU A 320 -13.23 -10.70 19.61
N ALA A 321 -12.12 -11.41 19.42
CA ALA A 321 -12.17 -12.82 19.03
C ALA A 321 -12.62 -13.74 20.20
N PRO A 322 -13.07 -15.00 19.89
CA PRO A 322 -13.39 -15.93 20.99
C PRO A 322 -12.14 -16.17 21.84
N SER A 323 -12.33 -16.33 23.15
CA SER A 323 -11.26 -16.54 24.13
C SER A 323 -10.23 -17.62 23.72
N THR A 324 -10.75 -18.70 23.12
CA THR A 324 -9.98 -19.85 22.69
C THR A 324 -9.16 -19.58 21.42
N MET A 325 -9.38 -18.43 20.78
CA MET A 325 -8.75 -18.13 19.51
C MET A 325 -7.32 -17.69 19.52
N LYS A 326 -6.49 -18.36 18.71
CA LYS A 326 -5.10 -17.97 18.57
C LYS A 326 -5.05 -16.82 17.57
N ILE A 327 -4.69 -15.63 18.07
CA ILE A 327 -4.57 -14.42 17.26
C ILE A 327 -3.11 -14.20 17.06
N LYS A 328 -2.70 -13.95 15.81
CA LYS A 328 -1.31 -13.65 15.50
C LYS A 328 -1.20 -12.51 14.50
N ILE A 329 -0.43 -11.47 14.84
CA ILE A 329 -0.22 -10.32 13.94
C ILE A 329 1.19 -10.43 13.33
N ILE A 330 1.29 -10.35 12.00
CA ILE A 330 2.56 -10.40 11.28
C ILE A 330 2.85 -8.98 10.77
N ALA A 331 3.92 -8.38 11.28
CA ALA A 331 4.27 -7.02 10.88
C ALA A 331 5.72 -6.99 10.41
N PRO A 332 5.92 -7.37 9.14
CA PRO A 332 7.26 -7.37 8.59
C PRO A 332 7.93 -5.99 8.67
N PRO A 333 9.23 -5.94 9.01
CA PRO A 333 9.93 -4.64 9.09
C PRO A 333 9.95 -3.87 7.76
N GLU A 334 9.88 -4.61 6.64
CA GLU A 334 9.90 -4.08 5.27
C GLU A 334 8.51 -3.76 4.71
N ARG A 335 7.47 -3.79 5.57
CA ARG A 335 6.09 -3.59 5.13
C ARG A 335 5.74 -2.34 4.36
N LYS A 336 6.64 -1.37 4.30
CA LYS A 336 6.41 -0.16 3.49
C LYS A 336 6.40 -0.59 2.03
N TYR A 337 7.14 -1.67 1.74
CA TYR A 337 7.28 -2.17 0.39
C TYR A 337 6.78 -3.58 0.20
N SER A 338 6.01 -4.10 1.15
CA SER A 338 5.48 -5.47 1.07
C SER A 338 4.71 -5.77 -0.20
N VAL A 339 3.89 -4.82 -0.66
CA VAL A 339 3.15 -5.02 -1.91
C VAL A 339 4.17 -5.19 -3.04
N TRP A 340 5.11 -4.24 -3.14
CA TRP A 340 6.11 -4.31 -4.21
C TRP A 340 6.90 -5.62 -4.16
N ILE A 341 7.43 -5.99 -2.98
CA ILE A 341 8.22 -7.20 -2.78
C ILE A 341 7.44 -8.41 -3.19
N GLY A 342 6.15 -8.44 -2.86
CA GLY A 342 5.27 -9.54 -3.22
C GLY A 342 5.21 -9.71 -4.72
N GLY A 343 5.09 -8.59 -5.43
CA GLY A 343 5.10 -8.57 -6.89
C GLY A 343 6.43 -9.02 -7.43
N SER A 344 7.53 -8.53 -6.84
CA SER A 344 8.86 -8.93 -7.26
C SER A 344 9.02 -10.44 -7.15
N ILE A 345 8.56 -11.04 -6.04
CA ILE A 345 8.67 -12.48 -5.83
C ILE A 345 7.84 -13.19 -6.86
N LEU A 346 6.54 -12.88 -6.92
CA LEU A 346 5.61 -13.50 -7.84
C LEU A 346 6.12 -13.54 -9.28
N ALA A 347 6.52 -12.38 -9.82
CA ALA A 347 6.99 -12.25 -11.20
C ALA A 347 8.34 -12.92 -11.47
N SER A 348 9.06 -13.35 -10.43
CA SER A 348 10.33 -14.04 -10.59
C SER A 348 10.20 -15.55 -10.55
N LEU A 349 9.05 -16.06 -10.08
CA LEU A 349 8.83 -17.50 -9.93
C LEU A 349 8.77 -18.20 -11.24
N SER A 350 9.52 -19.31 -11.35
CA SER A 350 9.53 -20.16 -12.53
C SER A 350 8.08 -20.50 -12.91
N THR A 351 7.26 -20.73 -11.88
CA THR A 351 5.84 -21.10 -11.99
C THR A 351 4.93 -19.99 -12.53
N PHE A 352 5.41 -18.73 -12.50
CA PHE A 352 4.61 -17.62 -12.97
C PHE A 352 4.69 -17.39 -14.46
N GLN A 353 5.71 -17.95 -15.07
CA GLN A 353 5.99 -17.67 -16.47
C GLN A 353 4.92 -18.00 -17.48
N GLN A 354 3.92 -18.80 -17.08
CA GLN A 354 2.82 -19.20 -17.96
C GLN A 354 1.59 -18.35 -17.68
N MET A 355 1.63 -17.61 -16.57
CA MET A 355 0.53 -16.78 -16.07
C MET A 355 0.34 -15.46 -16.80
N TRP A 356 1.40 -14.88 -17.38
CA TRP A 356 1.34 -13.59 -18.08
C TRP A 356 0.37 -13.58 -19.22
N ILE A 357 -0.31 -12.45 -19.40
CA ILE A 357 -1.18 -12.29 -20.55
C ILE A 357 -0.24 -11.90 -21.65
N THR A 358 -0.24 -12.60 -22.79
CA THR A 358 0.65 -12.23 -23.90
C THR A 358 0.00 -11.22 -24.80
N LYS A 359 0.82 -10.55 -25.61
CA LYS A 359 0.38 -9.58 -26.61
C LYS A 359 -0.53 -10.36 -27.59
N GLN A 360 -0.11 -11.57 -27.99
CA GLN A 360 -0.86 -12.43 -28.88
C GLN A 360 -2.27 -12.66 -28.32
N GLU A 361 -2.36 -13.04 -27.03
CA GLU A 361 -3.63 -13.28 -26.34
C GLU A 361 -4.50 -12.04 -26.33
N TYR A 362 -3.91 -10.88 -26.04
CA TYR A 362 -4.63 -9.62 -26.02
C TYR A 362 -5.17 -9.34 -27.42
N ASP A 363 -4.34 -9.54 -28.43
CA ASP A 363 -4.70 -9.30 -29.82
C ASP A 363 -5.91 -10.08 -30.29
N GLU A 364 -6.06 -11.29 -29.79
CA GLU A 364 -7.16 -12.13 -30.23
C GLU A 364 -8.41 -12.01 -29.39
N ALA A 365 -8.27 -11.77 -28.10
CA ALA A 365 -9.42 -11.69 -27.20
C ALA A 365 -9.75 -10.29 -26.66
N GLY A 366 -8.81 -9.35 -26.73
CA GLY A 366 -9.02 -7.98 -26.28
C GLY A 366 -8.80 -7.79 -24.79
N PRO A 367 -9.10 -6.60 -24.24
CA PRO A 367 -8.85 -6.35 -22.79
C PRO A 367 -9.66 -7.15 -21.76
N SER A 368 -10.87 -7.64 -22.13
CA SER A 368 -11.71 -8.46 -21.26
C SER A 368 -11.05 -9.81 -20.88
N ILE A 369 -9.87 -10.13 -21.46
CA ILE A 369 -9.04 -11.30 -21.18
C ILE A 369 -8.53 -11.27 -19.76
N VAL A 370 -8.29 -10.07 -19.23
CA VAL A 370 -7.72 -9.86 -17.90
C VAL A 370 -8.45 -10.61 -16.75
N HIS A 371 -9.79 -10.70 -16.86
CA HIS A 371 -10.73 -11.38 -15.97
C HIS A 371 -10.69 -12.90 -16.15
N ARG A 372 -10.64 -13.36 -17.40
CA ARG A 372 -10.50 -14.77 -17.79
C ARG A 372 -9.12 -15.33 -17.39
N LYS A 373 -8.07 -14.59 -17.72
CA LYS A 373 -6.71 -14.95 -17.41
C LYS A 373 -6.38 -15.01 -15.94
N CYS A 374 -7.12 -14.27 -15.10
CA CYS A 374 -7.03 -14.17 -13.64
C CYS A 374 -5.95 -15.07 -12.93
N PHE A 375 -5.93 -16.40 -13.22
CA PHE A 375 -4.93 -17.36 -12.75
C PHE A 375 -4.82 -18.57 -13.68
N ARG B 35 -1.16 -40.67 -5.92
CA ARG B 35 -0.68 -40.31 -7.25
C ARG B 35 0.60 -39.47 -7.19
N MET B 36 1.65 -39.93 -7.92
CA MET B 36 2.97 -39.28 -8.03
C MET B 36 2.95 -37.99 -8.90
N CYS B 37 1.75 -37.60 -9.35
CA CYS B 37 1.44 -36.45 -10.19
C CYS B 37 1.77 -35.17 -9.52
N GLU B 38 2.43 -34.27 -10.25
CA GLU B 38 2.72 -32.93 -9.75
C GLU B 38 1.38 -32.17 -9.71
N PRO B 39 1.18 -31.23 -8.74
CA PRO B 39 -0.12 -30.54 -8.67
C PRO B 39 -0.37 -29.58 -9.84
N SER B 40 -1.58 -29.01 -9.85
CA SER B 40 -2.02 -28.03 -10.84
C SER B 40 -0.94 -26.92 -10.99
N PRO B 41 -0.77 -26.31 -12.20
CA PRO B 41 0.18 -25.18 -12.32
C PRO B 41 -0.01 -24.09 -11.23
N ARG B 42 -1.29 -23.77 -10.87
CA ARG B 42 -1.67 -22.81 -9.83
C ARG B 42 -1.27 -23.32 -8.45
N GLU B 43 -1.36 -24.65 -8.21
CA GLU B 43 -0.94 -25.16 -6.92
C GLU B 43 0.58 -25.18 -6.82
N GLN B 44 1.27 -25.30 -7.96
CA GLN B 44 2.73 -25.28 -8.03
C GLN B 44 3.20 -23.89 -7.70
N LEU B 45 2.38 -22.88 -8.09
CA LEU B 45 2.63 -21.47 -7.87
C LEU B 45 2.45 -21.16 -6.39
N MET B 46 1.38 -21.69 -5.78
CA MET B 46 1.07 -21.52 -4.35
C MET B 46 2.16 -22.12 -3.49
N GLU B 47 2.62 -23.35 -3.86
CA GLU B 47 3.67 -24.09 -3.16
C GLU B 47 4.96 -23.30 -3.17
N SER B 48 5.29 -22.68 -4.32
CA SER B 48 6.49 -21.85 -4.48
C SER B 48 6.36 -20.52 -3.72
N ILE B 49 5.13 -19.98 -3.58
CA ILE B 49 4.90 -18.76 -2.80
C ILE B 49 5.15 -19.08 -1.31
N ARG B 50 4.66 -20.25 -0.85
CA ARG B 50 4.86 -20.70 0.53
C ARG B 50 6.33 -21.04 0.77
N LYS B 51 7.04 -21.61 -0.23
CA LYS B 51 8.45 -21.98 -0.07
C LYS B 51 9.32 -20.75 0.13
N GLY B 52 9.00 -19.67 -0.60
CA GLY B 52 9.72 -18.40 -0.59
C GLY B 52 10.97 -18.44 -1.43
N LYS B 53 11.34 -17.28 -2.01
CA LYS B 53 12.56 -17.16 -2.81
C LYS B 53 13.46 -16.04 -2.36
N GLU B 54 14.77 -16.25 -2.45
CA GLU B 54 15.71 -15.24 -2.04
C GLU B 54 15.77 -14.16 -3.13
N LEU B 55 15.60 -12.89 -2.73
CA LEU B 55 15.62 -11.79 -3.69
C LEU B 55 16.98 -11.13 -3.66
N LYS B 56 17.43 -10.64 -4.82
CA LYS B 56 18.75 -10.04 -4.91
C LYS B 56 18.85 -8.70 -4.21
N GLN B 57 19.93 -8.51 -3.42
CA GLN B 57 20.24 -7.28 -2.70
C GLN B 57 20.33 -6.09 -3.66
N ILE B 58 19.90 -4.92 -3.18
CA ILE B 58 19.85 -3.71 -3.98
C ILE B 58 21.10 -2.78 -3.94
N THR B 59 21.83 -2.74 -5.10
CA THR B 59 23.03 -1.91 -5.33
C THR B 59 23.14 -1.44 -6.78
CA CA C . -0.68 0.64 -1.61
PG ATP D . -2.45 3.72 -0.93
O1G ATP D . -3.09 3.57 -2.28
O2G ATP D . -1.89 2.26 -0.51
O3G ATP D . -3.52 4.28 0.08
PB ATP D . 0.30 4.17 -1.11
O1B ATP D . 0.34 2.85 -1.79
O2B ATP D . 1.05 5.28 -1.98
O3B ATP D . -1.24 4.87 -0.97
PA ATP D . 2.04 3.49 0.90
O1A ATP D . 1.93 2.04 1.33
O2A ATP D . 3.27 3.67 -0.13
O3A ATP D . 0.65 4.13 0.45
O5' ATP D . 2.44 4.31 2.23
C5' ATP D . 2.58 5.72 2.01
C4' ATP D . 2.06 6.42 3.27
O4' ATP D . 2.75 5.84 4.40
C3' ATP D . 2.36 7.91 3.37
O3' ATP D . 1.23 8.57 3.97
C2' ATP D . 3.58 7.89 4.36
O2' ATP D . 3.80 9.05 5.14
C1' ATP D . 3.14 6.82 5.31
N9 ATP D . 4.34 6.31 5.92
C8 ATP D . 5.50 5.86 5.31
N7 ATP D . 6.39 5.49 6.20
C5 ATP D . 5.85 5.68 7.45
C6 ATP D . 6.30 5.44 8.77
N6 ATP D . 7.56 4.95 9.00
N1 ATP D . 5.45 5.70 9.76
C2 ATP D . 4.23 6.22 9.55
N3 ATP D . 3.75 6.48 8.34
C4 ATP D . 4.53 6.22 7.28
CL CL E . 11.19 6.27 21.93
CL CL F . 12.08 -19.37 -9.13
#